data_8PW9
#
_entry.id   8PW9
#
_cell.length_a   63.940
_cell.length_b   63.940
_cell.length_c   225.140
_cell.angle_alpha   90.000
_cell.angle_beta   90.000
_cell.angle_gamma   120.000
#
_symmetry.space_group_name_H-M   'P 32 2 1'
#
loop_
_entity.id
_entity.type
_entity.pdbx_description
1 polymer 'N6-adenosine-methyltransferase catalytic subunit'
2 polymer 'N6-adenosine-methyltransferase non-catalytic subunit'
3 non-polymer (2~{R},3~{R},4~{S},5~{R})-2-(6-aminopurin-9-yl)-5-[[2-[[9-[(2~{R},3~{R},4~{S},5~{S})-5-(hydroxymethyl)-3,4-bis(oxidanyl)oxolan-2-yl]purin-6-yl]amino]ethylamino]methyl]oxolane-3,4-diol
4 non-polymer 'ACETATE ION'
5 non-polymer 'MAGNESIUM ION'
6 water water
#
loop_
_entity_poly.entity_id
_entity_poly.type
_entity_poly.pdbx_seq_one_letter_code
_entity_poly.pdbx_strand_id
1 'polypeptide(L)'
;MALTQSVGGDSSADRLFPPQWICCDIRYLDVSILGKFAVVMADPPWDIHMELPYGTLTDDEMRRLNIPVLQDDGFLFLWV
TGRAMELGRECLNLWGYERVDEIIWVKTNQLQRIIRTGRTGHWLNHGKEHCLVGVKGNPQGFNQGLDCDVIVAEVRSTSH
KPDEIYGMIERLSPGTRKIELFGRPHNVQPNWITLGNQLDGIHLLDPDVVARFKQRYPDGIISKPKNL
;
A
2 'polypeptide(L)'
;GLKGTQSLNPHNDYCQHFVDTGHRPQNFIRDVGLADRFEEYPKLRELIRLKDELIAKSNTPPMYLQADIEAFDIRELTPK
FDVILLEPPLEEYYRETGITANEKCWTWDDIMKLEIDEIAAPRSFIFLWCGSGEGLDLGRVCLRKWGYRRCEDICWIKTN
KNNPGKTKTLDPKAVFQRTKEHCLMGIKGTVKRSTDGDFIHANVDIDLIITEEPEIGNIEKPVEIFHIIEHFCLGRRRLH
LFGRDSTIRPGWLTVGPTLTNSNYNAETYASYFSAPNSYLTGCTEEIERL
;
B
#
loop_
_chem_comp.id
_chem_comp.type
_chem_comp.name
_chem_comp.formula
ACT non-polymer 'ACETATE ION' 'C2 H3 O2 -1'
H9D non-polymer (2~{R},3~{R},4~{S},5~{R})-2-(6-aminopurin-9-yl)-5-[[2-[[9-[(2~{R},3~{R},4~{S},5~{S})-5-(hydroxymethyl)-3,4-bis(oxidanyl)oxolan-2-yl]purin-6-yl]amino]ethylamino]methyl]oxolane-3,4-diol 'C22 H29 N11 O7'
MG non-polymer 'MAGNESIUM ION' 'Mg 2'
#
# COMPACT_ATOMS: atom_id res chain seq x y z
N LEU A 16 33.48 -6.63 -8.78
CA LEU A 16 33.84 -7.95 -8.26
C LEU A 16 32.63 -8.70 -7.71
N PHE A 17 32.03 -9.54 -8.56
CA PHE A 17 30.81 -10.32 -8.38
C PHE A 17 30.51 -10.87 -6.98
N PRO A 18 31.45 -11.43 -6.21
CA PRO A 18 31.05 -12.12 -4.95
C PRO A 18 30.54 -11.15 -3.90
N PRO A 19 29.83 -11.64 -2.88
CA PRO A 19 29.30 -10.75 -1.82
C PRO A 19 30.38 -9.90 -1.18
N GLN A 20 29.99 -8.68 -0.81
CA GLN A 20 30.85 -7.71 -0.16
C GLN A 20 30.03 -7.00 0.90
N TRP A 21 30.68 -6.56 1.97
CA TRP A 21 29.91 -5.90 3.02
C TRP A 21 30.80 -5.02 3.89
N ILE A 22 30.17 -4.06 4.57
CA ILE A 22 30.86 -3.09 5.42
C ILE A 22 30.03 -2.94 6.69
N CYS A 23 30.51 -3.48 7.80
CA CYS A 23 29.89 -3.18 9.09
C CYS A 23 30.21 -1.73 9.45
N CYS A 24 29.19 -0.96 9.78
CA CYS A 24 29.40 0.46 10.01
C CYS A 24 28.11 1.05 10.55
N ASP A 25 28.20 2.31 10.95
CA ASP A 25 27.04 3.13 11.21
C ASP A 25 26.77 3.90 9.93
N ILE A 26 25.66 3.56 9.27
CA ILE A 26 25.35 4.14 7.97
C ILE A 26 25.14 5.65 8.07
N ARG A 27 24.98 6.16 9.29
CA ARG A 27 24.85 7.61 9.48
C ARG A 27 26.16 8.32 9.18
N TYR A 28 27.27 7.70 9.54
CA TYR A 28 28.59 8.33 9.47
C TYR A 28 29.44 7.86 8.32
N LEU A 29 29.17 6.69 7.75
CA LEU A 29 29.98 6.21 6.65
C LEU A 29 29.91 7.19 5.48
N ASP A 30 31.06 7.42 4.87
CA ASP A 30 31.15 8.26 3.68
C ASP A 30 30.86 7.35 2.50
N VAL A 31 29.59 7.32 2.08
CA VAL A 31 29.19 6.41 1.02
C VAL A 31 29.70 6.82 -0.35
N SER A 32 30.26 8.02 -0.47
CA SER A 32 30.84 8.47 -1.75
C SER A 32 31.97 7.57 -2.23
N ILE A 33 32.59 6.78 -1.36
CA ILE A 33 33.67 5.87 -1.77
C ILE A 33 33.18 4.64 -2.52
N LEU A 34 31.87 4.41 -2.57
CA LEU A 34 31.32 3.16 -3.07
C LEU A 34 30.95 3.20 -4.54
N GLY A 35 30.92 4.38 -5.14
CA GLY A 35 30.51 4.48 -6.53
C GLY A 35 29.00 4.56 -6.71
N LYS A 36 28.59 4.17 -7.91
CA LYS A 36 27.23 4.35 -8.40
C LYS A 36 26.62 2.99 -8.63
N PHE A 37 25.34 2.84 -8.33
CA PHE A 37 24.68 1.54 -8.37
C PHE A 37 23.44 1.59 -9.24
N ALA A 38 23.19 0.49 -9.93
CA ALA A 38 21.97 0.37 -10.71
C ALA A 38 20.72 0.21 -9.83
N VAL A 39 20.84 -0.47 -8.68
CA VAL A 39 19.74 -0.68 -7.75
C VAL A 39 20.21 -0.36 -6.33
N VAL A 40 19.37 0.32 -5.57
CA VAL A 40 19.53 0.50 -4.13
C VAL A 40 18.33 -0.14 -3.44
N MET A 41 18.60 -0.95 -2.42
CA MET A 41 17.55 -1.48 -1.55
C MET A 41 17.86 -1.16 -0.09
N ALA A 42 16.81 -0.87 0.66
CA ALA A 42 16.95 -0.59 2.08
C ALA A 42 15.76 -1.14 2.85
N ASP A 43 16.04 -1.64 4.05
CA ASP A 43 14.99 -2.01 4.99
C ASP A 43 15.26 -1.26 6.29
N PRO A 44 15.00 0.05 6.31
CA PRO A 44 15.55 0.90 7.36
C PRO A 44 14.91 0.62 8.71
N PRO A 45 15.61 0.94 9.79
CA PRO A 45 15.01 0.80 11.13
C PRO A 45 14.21 2.03 11.48
N TRP A 46 13.09 2.19 10.77
CA TRP A 46 12.20 3.32 11.00
C TRP A 46 11.80 3.42 12.47
N ASP A 47 11.76 4.66 12.95
CA ASP A 47 11.31 4.94 14.32
C ASP A 47 9.78 4.98 14.34
N ILE A 48 9.20 3.80 14.36
CA ILE A 48 7.77 3.68 14.63
C ILE A 48 7.65 3.64 16.14
N HIS A 49 6.58 4.21 16.69
CA HIS A 49 6.48 4.43 18.13
C HIS A 49 6.46 3.10 18.89
N MET A 50 7.63 2.61 19.29
CA MET A 50 7.74 1.34 20.01
C MET A 50 9.06 1.31 20.77
N GLU A 51 9.20 0.31 21.64
CA GLU A 51 10.45 0.13 22.38
C GLU A 51 11.59 -0.26 21.44
N LEU A 52 11.36 -1.27 20.60
CA LEU A 52 12.21 -1.79 19.53
C LEU A 52 13.28 -2.74 20.06
N PRO A 53 13.44 -3.92 19.43
CA PRO A 53 14.52 -4.83 19.83
C PRO A 53 15.89 -4.37 19.37
N TYR A 54 15.96 -3.49 18.38
CA TYR A 54 17.19 -2.95 17.82
C TYR A 54 17.21 -1.44 18.00
N GLY A 55 18.25 -0.80 17.47
CA GLY A 55 18.30 0.65 17.44
C GLY A 55 17.66 1.20 16.18
N THR A 56 17.04 2.39 16.31
CA THR A 56 16.32 3.03 15.23
C THR A 56 16.98 4.35 14.82
N LEU A 57 16.53 4.87 13.70
CA LEU A 57 16.98 6.15 13.18
C LEU A 57 15.83 7.15 13.23
N THR A 58 16.12 8.36 13.69
CA THR A 58 15.05 9.33 13.73
C THR A 58 14.68 9.72 12.31
N ASP A 59 13.49 10.31 12.18
CA ASP A 59 13.02 10.80 10.91
C ASP A 59 14.02 11.73 10.23
N ASP A 60 14.74 12.55 11.00
CA ASP A 60 15.69 13.47 10.40
C ASP A 60 16.93 12.74 9.89
N GLU A 61 17.37 11.73 10.64
CA GLU A 61 18.52 10.94 10.23
C GLU A 61 18.22 10.17 8.95
N MET A 62 17.03 9.56 8.91
CA MET A 62 16.56 8.95 7.66
C MET A 62 16.58 9.97 6.52
N ARG A 63 16.02 11.16 6.74
CA ARG A 63 16.01 12.19 5.69
C ARG A 63 17.43 12.60 5.27
N ARG A 64 18.35 12.67 6.23
CA ARG A 64 19.69 13.16 5.96
C ARG A 64 20.60 12.11 5.33
N LEU A 65 20.18 10.84 5.27
CA LEU A 65 21.03 9.81 4.66
C LEU A 65 21.46 10.25 3.27
N ASN A 66 22.72 9.97 2.94
CA ASN A 66 23.23 10.48 1.68
C ASN A 66 22.95 9.51 0.52
N ILE A 67 21.69 9.10 0.39
CA ILE A 67 21.23 8.27 -0.73
C ILE A 67 21.51 8.93 -2.07
N PRO A 68 21.35 10.26 -2.22
CA PRO A 68 21.46 10.85 -3.57
C PRO A 68 22.78 10.60 -4.28
N VAL A 69 23.87 10.40 -3.55
CA VAL A 69 25.16 10.19 -4.21
C VAL A 69 25.29 8.78 -4.77
N LEU A 70 24.38 7.87 -4.41
CA LEU A 70 24.58 6.46 -4.74
C LEU A 70 24.16 6.10 -6.16
N GLN A 71 23.29 6.88 -6.79
CA GLN A 71 22.82 6.52 -8.13
C GLN A 71 22.78 7.76 -8.99
N ASP A 72 22.98 7.54 -10.29
CA ASP A 72 22.61 8.49 -11.35
C ASP A 72 21.33 8.07 -12.06
N ASP A 73 21.24 6.80 -12.46
CA ASP A 73 20.03 6.28 -13.11
C ASP A 73 19.79 4.89 -12.56
N GLY A 74 18.61 4.68 -12.00
CA GLY A 74 18.27 3.36 -11.51
C GLY A 74 17.14 3.42 -10.49
N PHE A 75 17.02 2.32 -9.76
CA PHE A 75 15.85 2.05 -8.96
C PHE A 75 16.21 1.91 -7.48
N LEU A 76 15.31 2.40 -6.64
CA LEU A 76 15.37 2.27 -5.19
C LEU A 76 14.26 1.33 -4.75
N PHE A 77 14.58 0.39 -3.86
CA PHE A 77 13.59 -0.48 -3.23
C PHE A 77 13.61 -0.20 -1.73
N LEU A 78 12.45 0.21 -1.19
CA LEU A 78 12.38 0.78 0.15
C LEU A 78 11.26 0.11 0.95
N TRP A 79 11.61 -0.74 1.91
CA TRP A 79 10.58 -1.38 2.72
C TRP A 79 9.98 -0.37 3.67
N VAL A 80 8.66 -0.42 3.83
CA VAL A 80 7.93 0.50 4.69
C VAL A 80 6.86 -0.28 5.46
N THR A 81 6.50 0.27 6.62
CA THR A 81 5.40 -0.25 7.41
C THR A 81 4.89 0.90 8.26
N GLY A 82 3.68 0.75 8.79
CA GLY A 82 3.15 1.75 9.68
C GLY A 82 3.25 3.14 9.07
N ARG A 83 3.64 4.10 9.90
CA ARG A 83 3.67 5.48 9.43
C ARG A 83 4.83 5.75 8.48
N ALA A 84 5.79 4.82 8.38
CA ALA A 84 6.80 4.89 7.35
C ALA A 84 6.23 4.66 5.95
N MET A 85 4.97 4.28 5.80
CA MET A 85 4.42 4.29 4.45
C MET A 85 4.36 5.71 3.93
N GLU A 86 4.14 6.67 4.82
CA GLU A 86 4.14 8.08 4.46
C GLU A 86 5.54 8.67 4.55
N LEU A 87 6.27 8.36 5.62
CA LEU A 87 7.62 8.90 5.75
C LEU A 87 8.53 8.36 4.67
N GLY A 88 8.42 7.05 4.37
CA GLY A 88 9.20 6.50 3.28
C GLY A 88 8.99 7.22 1.97
N ARG A 89 7.74 7.65 1.70
CA ARG A 89 7.46 8.42 0.50
C ARG A 89 8.14 9.78 0.54
N GLU A 90 8.17 10.38 1.73
CA GLU A 90 8.88 11.64 1.90
C GLU A 90 10.37 11.46 1.61
N CYS A 91 10.99 10.47 2.26
CA CYS A 91 12.40 10.21 2.02
C CYS A 91 12.66 9.92 0.54
N LEU A 92 11.82 9.08 -0.05
CA LEU A 92 11.99 8.73 -1.45
C LEU A 92 12.00 9.97 -2.32
N ASN A 93 11.04 10.88 -2.11
CA ASN A 93 10.97 12.10 -2.91
C ASN A 93 12.10 13.07 -2.56
N LEU A 94 12.40 13.25 -1.26
CA LEU A 94 13.51 14.12 -0.89
C LEU A 94 14.82 13.65 -1.52
N TRP A 95 15.03 12.33 -1.59
CA TRP A 95 16.27 11.83 -2.16
C TRP A 95 16.32 11.95 -3.67
N GLY A 96 15.25 12.43 -4.32
CA GLY A 96 15.25 12.61 -5.76
C GLY A 96 14.61 11.50 -6.58
N TYR A 97 13.82 10.62 -5.97
CA TYR A 97 13.17 9.54 -6.71
C TYR A 97 11.69 9.85 -6.92
N GLU A 98 11.12 9.21 -7.93
CA GLU A 98 9.68 9.15 -8.14
C GLU A 98 9.20 7.73 -7.84
N ARG A 99 8.16 7.59 -7.02
CA ARG A 99 7.65 6.25 -6.70
C ARG A 99 6.85 5.74 -7.89
N VAL A 100 7.34 4.69 -8.55
CA VAL A 100 6.73 4.19 -9.77
C VAL A 100 6.07 2.83 -9.60
N ASP A 101 6.25 2.17 -8.46
CA ASP A 101 5.66 0.86 -8.24
C ASP A 101 5.67 0.61 -6.74
N GLU A 102 4.93 -0.42 -6.33
CA GLU A 102 4.90 -0.78 -4.92
C GLU A 102 4.70 -2.28 -4.84
N ILE A 103 5.70 -2.98 -4.30
CA ILE A 103 5.65 -4.42 -4.18
C ILE A 103 4.98 -4.78 -2.87
N ILE A 104 4.13 -5.81 -2.91
CA ILE A 104 3.49 -6.36 -1.72
C ILE A 104 4.01 -7.78 -1.53
N TRP A 105 4.50 -8.07 -0.35
CA TRP A 105 4.85 -9.44 0.04
C TRP A 105 3.72 -10.01 0.89
N VAL A 106 2.99 -10.98 0.35
CA VAL A 106 1.98 -11.70 1.13
C VAL A 106 2.67 -12.79 1.95
N LYS A 107 2.55 -12.69 3.27
CA LYS A 107 3.26 -13.57 4.20
C LYS A 107 2.44 -14.82 4.44
N THR A 108 2.99 -15.97 4.07
CA THR A 108 2.38 -17.30 4.25
C THR A 108 3.21 -18.14 5.20
N ASN A 109 2.63 -19.28 5.61
CA ASN A 109 3.36 -20.31 6.34
C ASN A 109 3.80 -21.40 5.35
N GLN A 110 4.29 -22.53 5.89
CA GLN A 110 4.79 -23.60 5.05
C GLN A 110 3.68 -24.23 4.20
N LEU A 111 2.41 -24.01 4.56
CA LEU A 111 1.27 -24.58 3.85
C LEU A 111 0.54 -23.57 2.96
N GLN A 112 1.18 -22.43 2.67
CA GLN A 112 0.64 -21.40 1.76
C GLN A 112 -0.65 -20.78 2.28
N ARG A 113 -0.79 -20.66 3.60
CA ARG A 113 -1.88 -19.93 4.22
C ARG A 113 -1.34 -18.63 4.80
N ILE A 114 -2.14 -17.57 4.71
CA ILE A 114 -1.71 -16.26 5.19
C ILE A 114 -1.58 -16.29 6.71
N ILE A 115 -0.53 -15.66 7.21
CA ILE A 115 -0.29 -15.55 8.65
C ILE A 115 -1.36 -14.69 9.34
N HIS A 122 -3.88 -2.15 13.88
CA HIS A 122 -4.81 -1.84 14.96
C HIS A 122 -6.26 -2.22 14.59
N TRP A 123 -6.70 -1.81 13.41
CA TRP A 123 -8.06 -2.11 12.96
C TRP A 123 -8.16 -3.42 12.21
N LEU A 124 -7.12 -3.79 11.47
CA LEU A 124 -7.05 -5.01 10.70
C LEU A 124 -5.78 -5.77 11.05
N ASN A 125 -5.85 -7.08 10.95
CA ASN A 125 -4.64 -7.88 11.00
C ASN A 125 -3.90 -7.73 9.68
N HIS A 126 -2.57 -7.78 9.74
CA HIS A 126 -1.72 -7.46 8.61
C HIS A 126 -1.15 -8.75 8.00
N GLY A 127 -1.55 -9.03 6.77
CA GLY A 127 -1.04 -10.17 6.04
C GLY A 127 0.09 -9.86 5.08
N LYS A 128 0.69 -8.67 5.16
CA LYS A 128 1.57 -8.22 4.10
C LYS A 128 2.51 -7.13 4.60
N GLU A 129 3.63 -6.99 3.89
CA GLU A 129 4.53 -5.86 4.04
C GLU A 129 4.78 -5.23 2.67
N HIS A 130 5.03 -3.92 2.67
CA HIS A 130 5.10 -3.12 1.46
C HIS A 130 6.54 -2.74 1.13
N CYS A 131 6.85 -2.65 -0.15
CA CYS A 131 8.17 -2.23 -0.61
C CYS A 131 8.00 -1.18 -1.72
N LEU A 132 8.31 0.07 -1.40
CA LEU A 132 8.20 1.14 -2.39
C LEU A 132 9.30 1.01 -3.43
N VAL A 133 8.93 1.23 -4.69
CA VAL A 133 9.87 1.21 -5.81
C VAL A 133 9.97 2.62 -6.36
N GLY A 134 11.18 3.20 -6.28
CA GLY A 134 11.43 4.54 -6.78
C GLY A 134 12.38 4.47 -7.95
N VAL A 135 12.21 5.38 -8.90
CA VAL A 135 13.13 5.53 -10.02
C VAL A 135 13.75 6.92 -9.94
N LYS A 136 15.02 6.99 -10.37
CA LYS A 136 15.78 8.23 -10.46
C LYS A 136 16.45 8.29 -11.82
N GLY A 137 16.52 9.48 -12.40
CA GLY A 137 17.18 9.60 -13.69
C GLY A 137 16.35 8.93 -14.78
N ASN A 138 17.04 8.36 -15.76
CA ASN A 138 16.39 7.51 -16.78
C ASN A 138 17.18 6.23 -16.92
N PRO A 139 16.79 5.18 -16.20
CA PRO A 139 17.45 3.89 -16.41
C PRO A 139 17.16 3.35 -17.81
N GLN A 140 18.18 2.74 -18.41
CA GLN A 140 18.05 2.15 -19.74
C GLN A 140 18.56 0.72 -19.68
N GLY A 141 17.93 -0.16 -20.46
CA GLY A 141 18.36 -1.54 -20.51
C GLY A 141 17.91 -2.39 -19.35
N PHE A 142 16.90 -1.95 -18.62
CA PHE A 142 16.33 -2.79 -17.57
C PHE A 142 15.17 -3.58 -18.18
N ASN A 143 14.92 -4.75 -17.62
CA ASN A 143 13.86 -5.63 -18.10
C ASN A 143 12.60 -5.41 -17.27
N GLN A 144 12.03 -4.23 -17.45
CA GLN A 144 10.78 -3.89 -16.78
C GLN A 144 9.65 -4.79 -17.27
N GLY A 145 8.79 -5.20 -16.34
CA GLY A 145 7.62 -6.00 -16.66
C GLY A 145 7.80 -7.52 -16.62
N LEU A 146 8.99 -8.01 -16.25
CA LEU A 146 9.16 -9.46 -16.18
C LEU A 146 8.45 -10.04 -14.97
N ASP A 147 8.59 -9.40 -13.83
CA ASP A 147 7.92 -9.90 -12.63
C ASP A 147 6.68 -9.07 -12.35
N CYS A 148 5.81 -9.61 -11.50
CA CYS A 148 4.65 -8.87 -11.05
C CYS A 148 4.86 -8.39 -9.61
N ASP A 149 4.00 -7.47 -9.18
CA ASP A 149 4.26 -6.70 -7.97
C ASP A 149 3.76 -7.39 -6.69
N VAL A 150 3.51 -8.69 -6.73
CA VAL A 150 3.10 -9.44 -5.54
C VAL A 150 4.09 -10.58 -5.32
N ILE A 151 4.57 -10.70 -4.08
CA ILE A 151 5.44 -11.79 -3.67
C ILE A 151 4.66 -12.67 -2.69
N VAL A 152 4.66 -13.98 -2.94
CA VAL A 152 4.09 -14.96 -2.01
C VAL A 152 5.24 -15.86 -1.55
N ALA A 153 5.54 -15.83 -0.25
CA ALA A 153 6.74 -16.44 0.28
C ALA A 153 6.63 -16.54 1.80
N GLU A 154 7.35 -17.50 2.38
CA GLU A 154 7.21 -17.86 3.78
C GLU A 154 8.02 -16.94 4.69
N VAL A 155 7.48 -16.68 5.88
CA VAL A 155 8.23 -15.93 6.88
C VAL A 155 9.40 -16.77 7.39
N ARG A 156 10.54 -16.14 7.58
CA ARG A 156 11.70 -16.75 8.22
C ARG A 156 11.84 -16.17 9.63
N SER A 157 13.00 -15.64 10.03
CA SER A 157 13.10 -15.02 11.34
C SER A 157 12.33 -13.69 11.35
N THR A 158 12.42 -12.97 12.46
CA THR A 158 11.71 -11.70 12.59
C THR A 158 12.37 -10.64 11.73
N SER A 159 11.53 -9.80 11.09
CA SER A 159 11.99 -8.73 10.21
C SER A 159 12.95 -9.26 9.15
N HIS A 160 12.67 -10.47 8.70
CA HIS A 160 13.44 -11.18 7.69
C HIS A 160 12.68 -11.10 6.36
N LYS A 161 13.14 -10.27 5.44
CA LYS A 161 12.45 -10.15 4.16
C LYS A 161 12.79 -11.33 3.24
N PRO A 162 11.91 -11.66 2.30
CA PRO A 162 12.08 -12.89 1.52
C PRO A 162 13.17 -12.78 0.46
N ASP A 163 13.79 -13.93 0.19
CA ASP A 163 14.88 -14.00 -0.79
C ASP A 163 14.41 -13.73 -2.21
N GLU A 164 13.13 -13.93 -2.48
CA GLU A 164 12.61 -13.75 -3.83
C GLU A 164 12.88 -12.35 -4.39
N ILE A 165 13.03 -11.34 -3.52
CA ILE A 165 13.28 -9.97 -3.98
C ILE A 165 14.59 -9.87 -4.76
N TYR A 166 15.61 -10.67 -4.41
CA TYR A 166 16.91 -10.58 -5.11
C TYR A 166 16.83 -11.15 -6.54
N GLY A 167 16.05 -12.22 -6.75
CA GLY A 167 15.88 -12.72 -8.10
C GLY A 167 15.06 -11.77 -8.97
N MET A 168 13.99 -11.20 -8.40
CA MET A 168 13.26 -10.13 -9.08
C MET A 168 14.18 -9.00 -9.48
N ILE A 169 15.05 -8.57 -8.55
CA ILE A 169 15.95 -7.45 -8.83
C ILE A 169 17.01 -7.84 -9.86
N GLU A 170 17.44 -9.11 -9.86
CA GLU A 170 18.44 -9.55 -10.83
C GLU A 170 17.85 -9.71 -12.22
N ARG A 171 16.65 -10.26 -12.31
CA ARG A 171 16.03 -10.29 -13.63
C ARG A 171 15.79 -8.87 -14.15
N LEU A 172 15.48 -7.92 -13.27
CA LEU A 172 15.22 -6.56 -13.73
C LEU A 172 16.51 -5.90 -14.25
N SER A 173 17.63 -6.16 -13.60
CA SER A 173 18.90 -5.49 -13.90
C SER A 173 20.03 -6.50 -13.71
N PRO A 174 20.21 -7.40 -14.68
CA PRO A 174 21.17 -8.50 -14.50
C PRO A 174 22.62 -8.06 -14.59
N GLY A 175 23.43 -8.57 -13.65
CA GLY A 175 24.87 -8.32 -13.57
C GLY A 175 25.33 -6.93 -13.16
N THR A 176 24.42 -6.00 -12.83
CA THR A 176 24.85 -4.66 -12.46
C THR A 176 25.20 -4.59 -10.97
N ARG A 177 25.92 -3.53 -10.57
CA ARG A 177 26.25 -3.37 -9.15
C ARG A 177 25.04 -2.86 -8.36
N LYS A 178 24.83 -3.43 -7.19
CA LYS A 178 23.69 -3.09 -6.37
C LYS A 178 24.18 -2.92 -4.93
N ILE A 179 23.49 -2.10 -4.16
CA ILE A 179 23.86 -1.85 -2.78
C ILE A 179 22.62 -1.95 -1.90
N GLU A 180 22.76 -2.64 -0.78
CA GLU A 180 21.72 -2.73 0.24
C GLU A 180 22.18 -1.99 1.49
N LEU A 181 21.25 -1.25 2.08
CA LEU A 181 21.47 -0.49 3.30
C LEU A 181 20.68 -1.14 4.43
N PHE A 182 21.31 -1.20 5.61
CA PHE A 182 20.74 -1.83 6.80
C PHE A 182 20.54 -3.32 6.61
N GLY A 183 21.40 -3.95 5.81
CA GLY A 183 21.32 -5.38 5.66
C GLY A 183 21.95 -6.12 6.85
N ARG A 184 21.55 -7.37 7.00
CA ARG A 184 22.09 -8.30 7.97
C ARG A 184 22.86 -9.40 7.25
N PRO A 185 23.66 -10.20 7.98
CA PRO A 185 24.51 -11.19 7.30
C PRO A 185 23.78 -12.05 6.28
N HIS A 186 22.54 -12.43 6.55
CA HIS A 186 21.80 -13.24 5.58
C HIS A 186 21.47 -12.48 4.29
N ASN A 187 21.64 -11.16 4.29
CA ASN A 187 21.31 -10.36 3.11
C ASN A 187 22.42 -10.30 2.08
N VAL A 188 23.64 -10.76 2.40
CA VAL A 188 24.75 -10.56 1.48
C VAL A 188 24.58 -11.49 0.29
N GLN A 189 24.79 -10.96 -0.91
CA GLN A 189 24.52 -11.65 -2.17
C GLN A 189 25.59 -11.29 -3.18
N PRO A 190 25.77 -12.10 -4.23
CA PRO A 190 26.61 -11.67 -5.35
C PRO A 190 26.04 -10.42 -6.00
N ASN A 191 26.94 -9.61 -6.56
CA ASN A 191 26.67 -8.31 -7.17
C ASN A 191 26.24 -7.24 -6.17
N TRP A 192 26.09 -7.57 -4.87
CA TRP A 192 25.61 -6.60 -3.89
C TRP A 192 26.73 -6.21 -2.91
N ILE A 193 26.75 -4.93 -2.54
CA ILE A 193 27.52 -4.47 -1.39
C ILE A 193 26.52 -4.22 -0.27
N THR A 194 26.66 -4.91 0.85
CA THR A 194 25.74 -4.77 1.96
C THR A 194 26.36 -3.91 3.05
N LEU A 195 25.64 -2.88 3.50
CA LEU A 195 26.04 -2.12 4.67
C LEU A 195 25.02 -2.37 5.79
N GLY A 196 25.51 -2.36 7.03
CA GLY A 196 24.69 -2.60 8.19
C GLY A 196 25.56 -2.70 9.44
N ASN A 197 24.99 -2.51 10.63
CA ASN A 197 25.79 -2.56 11.86
C ASN A 197 25.74 -3.89 12.57
N GLN A 198 25.04 -4.88 12.01
CA GLN A 198 25.08 -6.26 12.50
C GLN A 198 25.83 -7.19 11.54
N LEU A 199 26.58 -6.64 10.58
CA LEU A 199 27.48 -7.46 9.79
C LEU A 199 28.76 -7.68 10.59
N ASP A 200 29.59 -8.58 10.09
CA ASP A 200 30.85 -8.95 10.73
C ASP A 200 31.98 -8.33 9.93
N GLY A 201 32.49 -7.19 10.41
CA GLY A 201 33.67 -6.59 9.82
C GLY A 201 33.44 -6.01 8.43
N ILE A 202 34.51 -6.05 7.63
CA ILE A 202 34.55 -5.38 6.33
C ILE A 202 35.14 -6.36 5.33
N HIS A 203 34.35 -6.77 4.33
CA HIS A 203 34.77 -7.70 3.28
C HIS A 203 34.57 -7.01 1.93
N LEU A 204 35.67 -6.57 1.31
CA LEU A 204 35.63 -5.79 0.08
C LEU A 204 36.56 -6.42 -0.95
N LEU A 205 36.08 -6.51 -2.20
CA LEU A 205 36.83 -7.19 -3.25
C LEU A 205 36.99 -6.36 -4.51
N ASP A 206 35.98 -5.53 -4.81
CA ASP A 206 36.06 -4.64 -5.95
C ASP A 206 37.27 -3.73 -5.79
N PRO A 207 38.25 -3.79 -6.70
CA PRO A 207 39.49 -3.02 -6.48
C PRO A 207 39.27 -1.52 -6.41
N ASP A 208 38.37 -0.96 -7.24
CA ASP A 208 38.07 0.47 -7.14
C ASP A 208 37.58 0.83 -5.73
N VAL A 209 36.62 0.06 -5.21
CA VAL A 209 36.10 0.31 -3.87
C VAL A 209 37.21 0.16 -2.83
N VAL A 210 38.02 -0.90 -2.94
CA VAL A 210 39.09 -1.13 -1.96
C VAL A 210 40.04 0.07 -1.92
N ALA A 211 40.43 0.57 -3.09
CA ALA A 211 41.32 1.72 -3.16
C ALA A 211 40.72 2.95 -2.46
N ARG A 212 39.48 3.30 -2.81
CA ARG A 212 38.88 4.50 -2.24
C ARG A 212 38.64 4.34 -0.75
N PHE A 213 38.32 3.13 -0.29
CA PHE A 213 38.18 2.89 1.14
C PHE A 213 39.50 3.13 1.87
N LYS A 214 40.59 2.55 1.36
CA LYS A 214 41.91 2.76 1.97
C LYS A 214 42.27 4.24 2.03
N GLN A 215 41.92 5.00 0.97
CA GLN A 215 42.20 6.43 0.96
C GLN A 215 41.38 7.17 2.01
N ARG A 216 40.05 7.01 1.99
CA ARG A 216 39.18 7.67 2.96
C ARG A 216 39.44 7.18 4.38
N TYR A 217 39.77 5.91 4.56
CA TYR A 217 39.93 5.31 5.88
C TYR A 217 41.25 4.56 5.97
N PRO A 218 42.37 5.28 6.07
CA PRO A 218 43.68 4.60 6.15
C PRO A 218 43.81 3.69 7.35
N ASP A 219 43.17 4.03 8.46
CA ASP A 219 43.22 3.21 9.67
C ASP A 219 41.96 2.38 9.87
N GLY A 220 41.03 2.40 8.91
CA GLY A 220 39.88 1.51 8.91
C GLY A 220 38.85 1.73 10.00
N ILE A 221 38.42 2.97 10.22
CA ILE A 221 37.41 3.29 11.24
C ILE A 221 36.53 4.42 10.74
N ILE A 222 35.20 4.25 10.88
CA ILE A 222 34.21 5.32 10.67
C ILE A 222 33.96 6.07 11.97
N SER A 223 33.81 7.39 11.89
CA SER A 223 33.57 8.19 13.09
C SER A 223 32.51 9.28 12.82
N ASN B 12 9.90 -23.24 -2.84
CA ASN B 12 9.38 -22.87 -4.16
C ASN B 12 9.33 -21.34 -4.34
N ASP B 13 9.97 -20.86 -5.41
CA ASP B 13 10.07 -19.44 -5.74
C ASP B 13 8.93 -19.09 -6.71
N TYR B 14 7.84 -18.50 -6.17
CA TYR B 14 6.68 -18.18 -7.00
C TYR B 14 6.92 -17.01 -7.93
N CYS B 15 7.88 -16.13 -7.63
CA CYS B 15 8.25 -15.10 -8.58
C CYS B 15 8.88 -15.71 -9.83
N GLN B 16 9.83 -16.63 -9.62
CA GLN B 16 10.38 -17.37 -10.75
C GLN B 16 9.29 -18.11 -11.51
N HIS B 17 8.38 -18.75 -10.78
CA HIS B 17 7.31 -19.51 -11.43
C HIS B 17 6.44 -18.62 -12.31
N PHE B 18 6.13 -17.41 -11.85
CA PHE B 18 5.32 -16.52 -12.68
C PHE B 18 6.06 -16.14 -13.96
N VAL B 19 7.37 -15.89 -13.85
CA VAL B 19 8.17 -15.59 -15.04
C VAL B 19 8.12 -16.77 -16.01
N ASP B 20 8.12 -18.00 -15.48
CA ASP B 20 8.13 -19.19 -16.33
C ASP B 20 6.76 -19.46 -16.96
N THR B 21 5.69 -19.42 -16.15
CA THR B 21 4.37 -19.93 -16.54
C THR B 21 3.30 -18.87 -16.72
N GLY B 22 3.49 -17.65 -16.23
CA GLY B 22 2.44 -16.65 -16.27
C GLY B 22 1.43 -16.74 -15.14
N HIS B 23 1.54 -17.74 -14.27
CA HIS B 23 0.68 -17.85 -13.09
C HIS B 23 1.17 -16.89 -12.00
N ARG B 24 0.33 -15.93 -11.65
CA ARG B 24 0.71 -14.96 -10.64
C ARG B 24 0.94 -15.66 -9.32
N PRO B 25 1.92 -15.21 -8.53
CA PRO B 25 2.18 -15.87 -7.24
C PRO B 25 0.95 -16.00 -6.37
N GLN B 26 0.02 -15.04 -6.43
CA GLN B 26 -1.20 -15.12 -5.63
C GLN B 26 -2.14 -16.24 -6.05
N ASN B 27 -1.96 -16.82 -7.24
CA ASN B 27 -2.76 -17.99 -7.62
C ASN B 27 -2.58 -19.16 -6.66
N PHE B 28 -1.48 -19.21 -5.92
CA PHE B 28 -1.17 -20.38 -5.10
C PHE B 28 -1.39 -20.13 -3.62
N ILE B 29 -1.96 -18.99 -3.25
CA ILE B 29 -2.43 -18.82 -1.88
C ILE B 29 -3.65 -19.69 -1.67
N ARG B 30 -3.70 -20.38 -0.54
CA ARG B 30 -4.82 -21.25 -0.21
C ARG B 30 -5.70 -20.60 0.86
N ASP B 31 -6.85 -21.24 1.10
CA ASP B 31 -7.86 -20.73 2.04
C ASP B 31 -8.34 -19.35 1.60
N VAL B 32 -8.57 -19.18 0.29
CA VAL B 32 -9.33 -17.99 -0.18
C VAL B 32 -8.48 -16.77 0.12
N GLU B 46 -15.49 -19.48 16.40
CA GLU B 46 -16.92 -19.83 16.24
C GLU B 46 -17.43 -19.29 14.91
N LEU B 47 -18.28 -18.27 15.02
CA LEU B 47 -18.95 -17.68 13.87
C LEU B 47 -19.16 -16.20 14.12
N ILE B 48 -18.83 -15.40 13.11
CA ILE B 48 -19.07 -13.97 13.12
C ILE B 48 -20.40 -13.70 12.46
N ARG B 49 -21.28 -14.71 12.47
CA ARG B 49 -22.54 -14.61 11.73
C ARG B 49 -23.61 -13.89 12.51
N LEU B 50 -23.66 -14.09 13.84
CA LEU B 50 -24.54 -13.25 14.66
C LEU B 50 -24.24 -11.77 14.44
N LYS B 51 -22.95 -11.43 14.31
CA LYS B 51 -22.56 -10.05 14.02
C LYS B 51 -23.15 -9.60 12.68
N ASP B 52 -22.96 -10.40 11.63
CA ASP B 52 -23.59 -10.12 10.33
C ASP B 52 -25.10 -9.96 10.48
N GLU B 53 -25.71 -10.72 11.40
CA GLU B 53 -27.15 -10.60 11.61
C GLU B 53 -27.51 -9.28 12.27
N LEU B 54 -26.72 -8.88 13.28
CA LEU B 54 -26.97 -7.58 13.91
C LEU B 54 -26.74 -6.44 12.94
N ILE B 55 -25.69 -6.52 12.12
CA ILE B 55 -25.52 -5.54 11.05
C ILE B 55 -26.75 -5.49 10.17
N ALA B 56 -27.28 -6.65 9.79
CA ALA B 56 -28.41 -6.69 8.86
C ALA B 56 -29.66 -6.08 9.50
N LYS B 57 -29.86 -6.28 10.81
CA LYS B 57 -31.04 -5.72 11.45
C LYS B 57 -30.96 -4.20 11.53
N SER B 58 -29.80 -3.65 11.93
CA SER B 58 -29.74 -2.21 12.12
C SER B 58 -29.60 -1.44 10.81
N ASN B 59 -29.40 -2.13 9.69
CA ASN B 59 -29.23 -1.43 8.42
C ASN B 59 -30.44 -0.61 8.04
N THR B 60 -30.19 0.67 7.76
CA THR B 60 -31.18 1.53 7.16
C THR B 60 -31.56 0.97 5.80
N PRO B 61 -32.73 1.35 5.28
CA PRO B 61 -33.06 0.94 3.91
C PRO B 61 -32.08 1.56 2.94
N PRO B 62 -31.82 0.90 1.82
CA PRO B 62 -30.92 1.50 0.83
C PRO B 62 -31.50 2.80 0.32
N MET B 63 -30.65 3.79 0.19
CA MET B 63 -31.00 5.07 -0.40
C MET B 63 -29.94 5.42 -1.42
N TYR B 64 -30.36 6.13 -2.44
CA TYR B 64 -29.52 6.30 -3.60
C TYR B 64 -29.96 7.58 -4.28
N LEU B 65 -29.03 8.22 -4.99
CA LEU B 65 -29.32 9.48 -5.65
C LEU B 65 -28.42 9.60 -6.88
N GLN B 66 -29.04 9.79 -8.04
CA GLN B 66 -28.27 10.17 -9.21
C GLN B 66 -27.79 11.61 -9.04
N ALA B 67 -26.49 11.83 -9.19
CA ALA B 67 -25.92 13.17 -9.11
C ALA B 67 -24.66 13.23 -9.95
N ASP B 68 -24.52 14.26 -10.78
CA ASP B 68 -23.26 14.47 -11.49
C ASP B 68 -22.34 15.22 -10.53
N ILE B 69 -21.38 14.50 -9.96
CA ILE B 69 -20.67 14.93 -8.76
C ILE B 69 -19.70 16.08 -9.05
N GLU B 70 -19.25 16.24 -10.30
CA GLU B 70 -18.44 17.41 -10.63
C GLU B 70 -19.22 18.70 -10.42
N ALA B 71 -20.48 18.72 -10.88
CA ALA B 71 -21.35 19.88 -10.89
C ALA B 71 -22.22 19.98 -9.64
N PHE B 72 -21.94 19.17 -8.63
CA PHE B 72 -22.85 18.95 -7.52
C PHE B 72 -22.33 19.66 -6.28
N ASP B 73 -23.23 20.18 -5.48
CA ASP B 73 -22.85 20.76 -4.20
C ASP B 73 -23.05 19.68 -3.14
N ILE B 74 -21.98 18.96 -2.81
CA ILE B 74 -22.11 17.84 -1.89
C ILE B 74 -22.62 18.26 -0.51
N ARG B 75 -22.61 19.55 -0.19
CA ARG B 75 -23.18 19.98 1.09
C ARG B 75 -24.67 19.62 1.20
N GLU B 76 -25.36 19.43 0.07
CA GLU B 76 -26.74 18.96 0.13
C GLU B 76 -26.86 17.55 0.66
N LEU B 77 -25.76 16.82 0.75
CA LEU B 77 -25.79 15.46 1.29
C LEU B 77 -25.63 15.57 2.79
N THR B 78 -26.70 15.30 3.52
CA THR B 78 -26.73 15.39 4.97
C THR B 78 -27.52 14.22 5.51
N PRO B 79 -27.32 13.86 6.79
CA PRO B 79 -26.41 14.50 7.75
C PRO B 79 -24.95 14.13 7.46
N LYS B 80 -24.02 14.48 8.34
CA LYS B 80 -22.63 14.15 8.12
C LYS B 80 -22.42 12.67 8.37
N PHE B 81 -21.48 12.08 7.63
CA PHE B 81 -21.38 10.63 7.51
C PHE B 81 -20.35 10.06 8.46
N ASP B 82 -20.63 8.85 8.97
CA ASP B 82 -19.65 8.12 9.77
C ASP B 82 -18.64 7.39 8.90
N VAL B 83 -19.04 6.98 7.71
CA VAL B 83 -18.18 6.25 6.78
C VAL B 83 -18.42 6.82 5.40
N ILE B 84 -17.34 7.09 4.66
CA ILE B 84 -17.42 7.45 3.27
C ILE B 84 -16.58 6.46 2.46
N LEU B 85 -17.16 5.90 1.42
CA LEU B 85 -16.47 5.00 0.50
C LEU B 85 -16.42 5.70 -0.84
N LEU B 86 -15.22 5.92 -1.35
CA LEU B 86 -15.03 6.84 -2.46
C LEU B 86 -14.37 6.06 -3.58
N GLU B 87 -15.05 5.98 -4.72
CA GLU B 87 -14.66 5.07 -5.79
C GLU B 87 -14.66 5.78 -7.14
N PRO B 88 -13.87 6.86 -7.26
CA PRO B 88 -13.87 7.66 -8.51
C PRO B 88 -13.41 6.85 -9.71
N PRO B 89 -14.03 7.06 -10.89
CA PRO B 89 -13.64 6.31 -12.09
C PRO B 89 -12.31 6.75 -12.67
N LEU B 90 -11.24 6.09 -12.28
CA LEU B 90 -9.92 6.46 -12.76
C LEU B 90 -9.73 6.03 -14.21
N GLU B 91 -9.07 6.89 -14.99
CA GLU B 91 -8.68 6.54 -16.36
C GLU B 91 -8.03 5.16 -16.44
N GLU B 92 -7.19 4.82 -15.45
CA GLU B 92 -6.46 3.55 -15.49
C GLU B 92 -7.36 2.35 -15.34
N TYR B 93 -8.63 2.52 -14.94
CA TYR B 93 -9.55 1.38 -14.89
C TYR B 93 -10.01 0.96 -16.28
N TYR B 94 -9.71 1.74 -17.31
CA TYR B 94 -10.20 1.51 -18.67
C TYR B 94 -9.00 1.32 -19.59
N ARG B 95 -8.72 0.06 -19.92
CA ARG B 95 -7.63 -0.30 -20.83
C ARG B 95 -7.93 -1.64 -21.50
N LYS B 104 -17.24 9.42 -18.31
CA LYS B 104 -16.33 10.43 -17.76
C LYS B 104 -15.34 9.81 -16.76
N CYS B 105 -14.05 9.86 -17.08
CA CYS B 105 -13.01 9.45 -16.14
C CYS B 105 -12.63 10.64 -15.26
N TRP B 106 -12.33 10.38 -13.99
CA TRP B 106 -11.91 11.39 -13.04
C TRP B 106 -10.39 11.33 -12.86
N THR B 107 -9.74 12.48 -12.98
CA THR B 107 -8.33 12.56 -12.65
C THR B 107 -8.16 12.82 -11.16
N TRP B 108 -6.93 12.72 -10.69
CA TRP B 108 -6.69 13.02 -9.28
C TRP B 108 -6.82 14.52 -9.02
N ASP B 109 -6.57 15.33 -10.03
CA ASP B 109 -6.93 16.74 -10.03
C ASP B 109 -8.38 16.94 -9.60
N ASP B 110 -9.30 16.29 -10.33
CA ASP B 110 -10.72 16.38 -9.98
C ASP B 110 -10.98 15.84 -8.59
N ILE B 111 -10.37 14.71 -8.25
CA ILE B 111 -10.72 14.08 -6.99
C ILE B 111 -10.33 14.96 -5.82
N MET B 112 -9.09 15.50 -5.83
CA MET B 112 -8.68 16.20 -4.61
C MET B 112 -9.39 17.55 -4.46
N LYS B 113 -10.13 18.01 -5.47
CA LYS B 113 -10.93 19.21 -5.34
C LYS B 113 -12.32 18.93 -4.79
N LEU B 114 -12.68 17.67 -4.56
CA LEU B 114 -13.92 17.35 -3.86
C LEU B 114 -13.87 17.83 -2.41
N GLU B 115 -14.99 18.34 -1.93
CA GLU B 115 -15.01 18.95 -0.61
C GLU B 115 -15.49 17.94 0.44
N ILE B 116 -14.77 16.81 0.50
CA ILE B 116 -15.18 15.70 1.35
C ILE B 116 -15.26 16.09 2.82
N ASP B 117 -14.43 17.03 3.26
CA ASP B 117 -14.39 17.41 4.67
C ASP B 117 -15.65 18.13 5.11
N GLU B 118 -16.45 18.61 4.16
CA GLU B 118 -17.71 19.30 4.44
C GLU B 118 -18.86 18.36 4.75
N ILE B 119 -18.73 17.06 4.50
CA ILE B 119 -19.81 16.12 4.79
C ILE B 119 -19.37 15.01 5.72
N ALA B 120 -18.12 14.99 6.15
CA ALA B 120 -17.64 13.98 7.06
C ALA B 120 -17.93 14.38 8.51
N ALA B 121 -18.34 13.42 9.32
CA ALA B 121 -18.55 13.69 10.72
C ALA B 121 -17.22 13.92 11.42
N PRO B 122 -17.19 14.68 12.52
CA PRO B 122 -15.91 15.01 13.17
C PRO B 122 -15.07 13.79 13.51
N ARG B 123 -15.71 12.71 13.95
CA ARG B 123 -15.08 11.40 14.02
C ARG B 123 -15.72 10.55 12.93
N SER B 124 -14.92 10.13 11.96
CA SER B 124 -15.45 9.39 10.82
C SER B 124 -14.29 8.74 10.09
N PHE B 125 -14.61 8.00 9.05
CA PHE B 125 -13.69 7.13 8.35
C PHE B 125 -13.92 7.28 6.86
N ILE B 126 -12.86 7.06 6.09
CA ILE B 126 -12.97 7.07 4.64
C ILE B 126 -12.30 5.80 4.13
N PHE B 127 -12.82 5.27 3.03
CA PHE B 127 -12.19 4.19 2.31
C PHE B 127 -12.09 4.66 0.86
N LEU B 128 -10.85 4.86 0.40
CA LEU B 128 -10.61 5.51 -0.88
C LEU B 128 -9.90 4.52 -1.80
N TRP B 129 -10.54 4.17 -2.92
CA TRP B 129 -9.94 3.31 -3.93
C TRP B 129 -8.96 4.12 -4.77
N CYS B 130 -7.69 3.72 -4.76
CA CYS B 130 -6.59 4.51 -5.32
C CYS B 130 -5.96 3.91 -6.55
N GLY B 131 -6.34 2.69 -6.91
CA GLY B 131 -5.77 2.05 -8.08
C GLY B 131 -4.44 1.45 -7.74
N SER B 132 -3.52 1.54 -8.66
CA SER B 132 -2.20 0.97 -8.47
C SER B 132 -1.09 1.87 -8.95
N GLY B 133 -1.39 3.09 -9.37
CA GLY B 133 -0.39 3.97 -9.93
C GLY B 133 -0.12 5.16 -9.04
N GLU B 134 -0.15 6.34 -9.64
CA GLU B 134 0.03 7.59 -8.91
C GLU B 134 -1.04 7.78 -7.84
N GLY B 135 -2.21 7.15 -7.98
CA GLY B 135 -3.22 7.16 -6.94
C GLY B 135 -2.71 6.73 -5.57
N LEU B 136 -1.67 5.90 -5.52
CA LEU B 136 -1.16 5.50 -4.20
C LEU B 136 -0.49 6.66 -3.50
N ASP B 137 -0.05 7.67 -4.24
CA ASP B 137 0.54 8.89 -3.68
C ASP B 137 -0.48 10.01 -3.62
N LEU B 138 -1.22 10.24 -4.70
CA LEU B 138 -2.16 11.33 -4.72
C LEU B 138 -3.37 11.06 -3.82
N GLY B 139 -3.72 9.78 -3.64
CA GLY B 139 -4.76 9.46 -2.68
C GLY B 139 -4.38 9.75 -1.24
N ARG B 140 -3.10 9.64 -0.91
CA ARG B 140 -2.68 10.01 0.45
C ARG B 140 -2.76 11.52 0.65
N VAL B 141 -2.37 12.30 -0.36
CA VAL B 141 -2.55 13.76 -0.30
C VAL B 141 -4.01 14.10 -0.06
N CYS B 142 -4.92 13.44 -0.81
CA CYS B 142 -6.36 13.66 -0.62
C CYS B 142 -6.75 13.42 0.82
N LEU B 143 -6.38 12.25 1.34
CA LEU B 143 -6.76 11.91 2.71
C LEU B 143 -6.30 13.01 3.65
N ARG B 144 -5.05 13.44 3.50
CA ARG B 144 -4.54 14.50 4.36
C ARG B 144 -5.24 15.82 4.08
N LYS B 145 -5.55 16.08 2.82
CA LYS B 145 -6.19 17.35 2.49
C LYS B 145 -7.58 17.47 3.11
N TRP B 146 -8.27 16.34 3.28
CA TRP B 146 -9.62 16.29 3.83
C TRP B 146 -9.62 16.09 5.34
N GLY B 147 -8.44 16.04 5.96
CA GLY B 147 -8.36 15.93 7.41
C GLY B 147 -8.20 14.55 7.99
N TYR B 148 -7.88 13.54 7.18
CA TYR B 148 -7.71 12.19 7.70
C TYR B 148 -6.25 11.79 7.78
N ARG B 149 -6.00 10.79 8.60
CA ARG B 149 -4.74 10.06 8.60
C ARG B 149 -5.02 8.61 8.22
N ARG B 150 -4.11 8.00 7.49
CA ARG B 150 -4.28 6.63 7.05
C ARG B 150 -3.99 5.67 8.20
N CYS B 151 -4.90 4.74 8.46
CA CYS B 151 -4.61 3.70 9.43
C CYS B 151 -4.46 2.30 8.84
N GLU B 152 -5.01 2.05 7.65
CA GLU B 152 -4.83 0.78 6.99
C GLU B 152 -4.66 1.01 5.50
N ASP B 153 -3.96 0.09 4.87
CA ASP B 153 -3.76 0.00 3.43
C ASP B 153 -4.29 -1.37 3.03
N ILE B 154 -5.51 -1.43 2.51
CA ILE B 154 -6.16 -2.67 2.14
C ILE B 154 -5.86 -2.98 0.68
N CYS B 155 -5.30 -4.16 0.41
CA CYS B 155 -4.84 -4.51 -0.93
CA CYS B 155 -4.84 -4.51 -0.93
C CYS B 155 -5.76 -5.55 -1.55
N TRP B 156 -6.32 -5.22 -2.71
CA TRP B 156 -7.10 -6.16 -3.50
C TRP B 156 -6.16 -6.85 -4.47
N ILE B 157 -5.83 -8.10 -4.18
CA ILE B 157 -4.89 -8.89 -4.95
C ILE B 157 -5.67 -9.72 -5.97
N LYS B 158 -5.32 -9.59 -7.24
CA LYS B 158 -6.10 -10.20 -8.31
C LYS B 158 -5.39 -11.43 -8.85
N THR B 159 -6.03 -12.59 -8.70
CA THR B 159 -5.51 -13.82 -9.29
C THR B 159 -5.89 -13.92 -10.76
N ASN B 160 -5.12 -14.71 -11.50
CA ASN B 160 -5.38 -14.95 -12.91
C ASN B 160 -5.37 -16.45 -13.22
N LYS B 161 -6.00 -17.26 -12.36
CA LYS B 161 -6.01 -18.71 -12.55
C LYS B 161 -6.62 -19.12 -13.88
N ASN B 162 -7.53 -18.29 -14.40
CA ASN B 162 -8.25 -18.60 -15.63
C ASN B 162 -7.58 -18.09 -16.89
N ASN B 163 -6.65 -17.15 -16.80
CA ASN B 163 -5.89 -16.67 -17.97
C ASN B 163 -4.42 -16.46 -17.64
N PRO B 164 -3.68 -17.55 -17.35
CA PRO B 164 -2.23 -17.38 -17.12
C PRO B 164 -1.44 -16.97 -18.36
N LEU B 170 1.07 -2.25 -20.11
CA LEU B 170 1.80 -1.74 -18.95
C LEU B 170 2.00 -0.22 -18.97
N ASP B 171 1.73 0.42 -17.84
CA ASP B 171 2.01 1.85 -17.66
C ASP B 171 3.48 2.12 -18.00
N PRO B 172 3.78 3.17 -18.76
CA PRO B 172 5.18 3.41 -19.17
C PRO B 172 6.16 3.47 -18.01
N LYS B 173 5.75 4.04 -16.87
CA LYS B 173 6.66 4.13 -15.73
C LYS B 173 6.73 2.84 -14.92
N ALA B 174 5.86 1.87 -15.21
CA ALA B 174 5.82 0.66 -14.40
C ALA B 174 7.12 -0.13 -14.53
N VAL B 175 7.62 -0.59 -13.38
CA VAL B 175 8.74 -1.50 -13.35
C VAL B 175 8.25 -2.95 -13.36
N PHE B 176 7.07 -3.21 -12.81
CA PHE B 176 6.55 -4.56 -12.68
C PHE B 176 5.15 -4.62 -13.27
N GLN B 177 4.70 -5.84 -13.52
CA GLN B 177 3.29 -6.07 -13.85
C GLN B 177 2.43 -5.81 -12.62
N ARG B 178 1.43 -4.95 -12.77
CA ARG B 178 0.57 -4.55 -11.68
C ARG B 178 -0.61 -5.51 -11.55
N THR B 179 -0.73 -6.15 -10.38
CA THR B 179 -1.72 -7.20 -10.20
C THR B 179 -2.61 -6.95 -8.99
N LYS B 180 -2.73 -5.71 -8.55
CA LYS B 180 -3.46 -5.40 -7.32
C LYS B 180 -3.93 -3.95 -7.35
N GLU B 181 -4.92 -3.65 -6.52
CA GLU B 181 -5.39 -2.29 -6.29
C GLU B 181 -5.40 -2.03 -4.79
N HIS B 182 -5.29 -0.76 -4.41
CA HIS B 182 -5.24 -0.37 -3.01
C HIS B 182 -6.47 0.44 -2.62
N CYS B 183 -7.06 0.07 -1.50
CA CYS B 183 -8.14 0.87 -0.90
C CYS B 183 -7.61 1.43 0.40
N LEU B 184 -7.34 2.74 0.45
CA LEU B 184 -6.77 3.34 1.66
C LEU B 184 -7.85 3.66 2.66
N MET B 185 -7.58 3.34 3.94
CA MET B 185 -8.49 3.60 5.05
C MET B 185 -7.98 4.79 5.85
N GLY B 186 -8.82 5.80 6.00
CA GLY B 186 -8.46 7.00 6.75
C GLY B 186 -9.41 7.21 7.92
N ILE B 187 -8.89 7.83 8.97
CA ILE B 187 -9.66 8.16 10.17
C ILE B 187 -9.43 9.64 10.50
N LYS B 188 -10.48 10.30 11.00
CA LYS B 188 -10.40 11.66 11.50
C LYS B 188 -11.11 11.72 12.85
N GLY B 189 -10.55 12.48 13.77
CA GLY B 189 -11.07 12.52 15.13
C GLY B 189 -10.40 11.49 16.02
N THR B 190 -10.82 11.50 17.28
CA THR B 190 -10.24 10.61 18.28
C THR B 190 -11.02 9.30 18.39
N VAL B 204 -11.17 -8.96 13.38
CA VAL B 204 -11.50 -10.23 12.72
C VAL B 204 -10.96 -10.28 11.27
N ASP B 205 -10.82 -9.13 10.62
CA ASP B 205 -10.49 -9.09 9.21
C ASP B 205 -9.00 -8.78 8.97
N ILE B 206 -8.53 -9.18 7.79
CA ILE B 206 -7.16 -8.94 7.35
C ILE B 206 -7.22 -7.82 6.31
N ASP B 207 -6.05 -7.26 5.98
CA ASP B 207 -5.97 -6.13 5.05
C ASP B 207 -5.72 -6.57 3.62
N LEU B 208 -6.26 -7.73 3.23
CA LEU B 208 -6.09 -8.31 1.91
C LEU B 208 -7.43 -8.84 1.41
N ILE B 209 -7.74 -8.56 0.15
CA ILE B 209 -8.84 -9.19 -0.55
C ILE B 209 -8.24 -9.92 -1.74
N ILE B 210 -8.60 -11.19 -1.90
CA ILE B 210 -8.09 -12.01 -3.00
C ILE B 210 -9.27 -12.51 -3.81
N THR B 211 -9.34 -12.10 -5.07
CA THR B 211 -10.34 -12.56 -6.01
C THR B 211 -9.68 -12.66 -7.39
N GLU B 212 -10.39 -13.32 -8.31
CA GLU B 212 -9.90 -13.45 -9.67
C GLU B 212 -10.03 -12.12 -10.39
N GLU B 213 -9.05 -11.82 -11.23
CA GLU B 213 -9.10 -10.58 -12.00
C GLU B 213 -10.39 -10.53 -12.80
N PRO B 214 -11.16 -9.46 -12.70
CA PRO B 214 -12.40 -9.35 -13.49
C PRO B 214 -12.11 -9.18 -14.98
N GLU B 215 -13.13 -9.48 -15.79
CA GLU B 215 -13.02 -9.37 -17.24
C GLU B 215 -12.76 -7.93 -17.65
N ILE B 216 -11.96 -7.75 -18.71
CA ILE B 216 -11.59 -6.40 -19.15
C ILE B 216 -12.87 -5.59 -19.34
N GLY B 217 -12.81 -4.29 -19.05
CA GLY B 217 -13.98 -3.45 -19.06
C GLY B 217 -14.83 -3.49 -17.82
N ASN B 218 -14.72 -4.53 -16.99
CA ASN B 218 -15.46 -4.61 -15.74
C ASN B 218 -14.67 -3.87 -14.67
N ILE B 219 -15.30 -2.83 -14.10
CA ILE B 219 -14.61 -1.96 -13.15
C ILE B 219 -15.09 -2.18 -11.72
N GLU B 220 -15.99 -3.12 -11.49
CA GLU B 220 -16.53 -3.32 -10.14
C GLU B 220 -15.41 -3.67 -9.16
N LYS B 221 -15.53 -3.15 -7.95
CA LYS B 221 -14.60 -3.58 -6.92
C LYS B 221 -15.22 -4.71 -6.11
N PRO B 222 -14.42 -5.58 -5.53
CA PRO B 222 -14.96 -6.71 -4.78
C PRO B 222 -15.90 -6.28 -3.66
N VAL B 223 -17.08 -6.88 -3.65
CA VAL B 223 -18.07 -6.62 -2.61
C VAL B 223 -17.53 -6.93 -1.21
N GLU B 224 -16.48 -7.74 -1.10
CA GLU B 224 -15.81 -7.95 0.19
C GLU B 224 -15.41 -6.65 0.90
N ILE B 225 -15.14 -5.58 0.15
CA ILE B 225 -14.81 -4.31 0.82
C ILE B 225 -15.96 -3.86 1.70
N PHE B 226 -17.21 -4.16 1.32
CA PHE B 226 -18.32 -3.75 2.16
C PHE B 226 -18.36 -4.56 3.45
N HIS B 227 -18.02 -5.84 3.37
CA HIS B 227 -18.01 -6.69 4.56
C HIS B 227 -16.96 -6.20 5.55
N ILE B 228 -15.74 -5.91 5.07
CA ILE B 228 -14.71 -5.36 5.94
C ILE B 228 -15.21 -4.09 6.63
N ILE B 229 -15.76 -3.15 5.86
CA ILE B 229 -16.20 -1.88 6.43
C ILE B 229 -17.28 -2.13 7.47
N GLU B 230 -18.32 -2.86 7.09
CA GLU B 230 -19.43 -3.07 8.02
C GLU B 230 -18.99 -3.83 9.28
N HIS B 231 -18.04 -4.76 9.17
CA HIS B 231 -17.60 -5.44 10.37
C HIS B 231 -16.80 -4.55 11.31
N PHE B 232 -16.34 -3.38 10.86
CA PHE B 232 -15.69 -2.46 11.79
C PHE B 232 -16.66 -1.80 12.76
N CYS B 233 -17.97 -1.81 12.47
CA CYS B 233 -18.97 -1.23 13.37
C CYS B 233 -18.67 0.25 13.66
N LEU B 234 -18.59 1.04 12.58
CA LEU B 234 -18.12 2.42 12.65
C LEU B 234 -19.24 3.44 12.75
N GLY B 235 -20.51 3.02 12.70
CA GLY B 235 -21.61 3.95 12.62
C GLY B 235 -22.53 3.63 11.45
N ARG B 236 -23.72 4.23 11.43
CA ARG B 236 -24.75 3.83 10.48
C ARG B 236 -24.92 4.80 9.31
N ARG B 237 -24.35 6.00 9.35
CA ARG B 237 -24.39 6.89 8.19
C ARG B 237 -23.23 6.54 7.26
N ARG B 238 -23.52 5.77 6.21
CA ARG B 238 -22.51 5.26 5.30
C ARG B 238 -22.80 5.79 3.90
N LEU B 239 -21.79 6.40 3.29
CA LEU B 239 -21.92 7.06 2.01
C LEU B 239 -20.98 6.38 1.03
N HIS B 240 -21.50 6.06 -0.16
CA HIS B 240 -20.71 5.50 -1.25
C HIS B 240 -20.74 6.44 -2.43
N LEU B 241 -19.62 7.13 -2.67
CA LEU B 241 -19.57 8.11 -3.74
C LEU B 241 -19.05 7.43 -4.99
N PHE B 242 -19.75 7.64 -6.10
CA PHE B 242 -19.46 6.98 -7.37
C PHE B 242 -19.86 5.50 -7.36
N GLY B 243 -20.87 5.16 -6.57
CA GLY B 243 -21.53 3.87 -6.70
C GLY B 243 -22.42 3.83 -7.95
N ARG B 244 -23.01 2.66 -8.18
CA ARG B 244 -23.78 2.40 -9.38
C ARG B 244 -25.06 1.65 -8.96
N ASP B 245 -26.00 1.51 -9.91
CA ASP B 245 -27.17 0.67 -9.66
C ASP B 245 -26.77 -0.68 -9.05
N SER B 246 -25.68 -1.27 -9.56
CA SER B 246 -25.19 -2.58 -9.12
C SER B 246 -24.47 -2.57 -7.77
N THR B 247 -24.21 -1.41 -7.17
CA THR B 247 -23.58 -1.40 -5.85
C THR B 247 -24.54 -1.02 -4.74
N ILE B 248 -25.76 -0.61 -5.07
CA ILE B 248 -26.74 -0.22 -4.06
C ILE B 248 -26.97 -1.36 -3.07
N ARG B 249 -27.11 -1.01 -1.81
CA ARG B 249 -26.94 -2.01 -0.78
C ARG B 249 -27.60 -1.50 0.50
N PRO B 250 -28.24 -2.38 1.27
CA PRO B 250 -28.87 -1.92 2.52
C PRO B 250 -27.84 -1.33 3.47
N GLY B 251 -28.27 -0.32 4.23
CA GLY B 251 -27.36 0.34 5.12
C GLY B 251 -26.41 1.34 4.47
N TRP B 252 -26.64 1.73 3.22
CA TRP B 252 -25.76 2.64 2.51
C TRP B 252 -26.56 3.67 1.74
N LEU B 253 -26.03 4.90 1.69
CA LEU B 253 -26.47 5.92 0.75
C LEU B 253 -25.49 5.95 -0.42
N THR B 254 -25.99 5.66 -1.62
CA THR B 254 -25.20 5.62 -2.83
C THR B 254 -25.50 6.85 -3.69
N VAL B 255 -24.44 7.53 -4.13
CA VAL B 255 -24.54 8.75 -4.91
C VAL B 255 -23.56 8.67 -6.06
N GLY B 256 -24.06 8.80 -7.28
CA GLY B 256 -23.20 8.68 -8.43
C GLY B 256 -23.92 9.17 -9.67
N PRO B 257 -23.15 9.42 -10.74
CA PRO B 257 -23.74 9.97 -11.97
C PRO B 257 -24.49 8.95 -12.81
N THR B 258 -24.18 7.66 -12.70
CA THR B 258 -24.80 6.69 -13.61
C THR B 258 -26.05 6.05 -13.02
N LEU B 259 -26.41 6.36 -11.78
CA LEU B 259 -27.63 5.80 -11.19
C LEU B 259 -28.81 6.12 -12.08
N THR B 260 -29.71 5.16 -12.24
CA THR B 260 -30.83 5.40 -13.13
C THR B 260 -32.06 5.91 -12.41
N ASN B 261 -32.16 5.64 -11.11
CA ASN B 261 -33.24 6.08 -10.26
C ASN B 261 -32.67 6.70 -9.00
N SER B 262 -33.49 7.52 -8.34
CA SER B 262 -33.16 8.08 -7.05
C SER B 262 -34.32 7.87 -6.10
N ASN B 263 -34.03 7.75 -4.80
CA ASN B 263 -35.05 7.84 -3.76
C ASN B 263 -34.59 8.69 -2.59
N TYR B 264 -33.47 9.39 -2.70
CA TYR B 264 -32.92 10.12 -1.58
C TYR B 264 -33.80 11.30 -1.19
N ASN B 265 -34.08 11.40 0.10
CA ASN B 265 -34.70 12.59 0.68
C ASN B 265 -34.00 12.86 2.00
N ALA B 266 -33.35 14.03 2.09
CA ALA B 266 -32.48 14.34 3.23
C ALA B 266 -33.21 14.22 4.55
N GLU B 267 -34.46 14.68 4.59
CA GLU B 267 -35.25 14.61 5.81
C GLU B 267 -35.58 13.16 6.14
N THR B 268 -36.09 12.40 5.16
CA THR B 268 -36.28 10.97 5.37
C THR B 268 -34.99 10.28 5.82
N TYR B 269 -33.88 10.61 5.17
CA TYR B 269 -32.63 9.96 5.52
C TYR B 269 -32.22 10.29 6.95
N ALA B 270 -32.26 11.57 7.32
CA ALA B 270 -31.92 11.95 8.69
C ALA B 270 -32.84 11.31 9.72
N SER B 271 -34.10 11.07 9.36
CA SER B 271 -35.04 10.44 10.28
C SER B 271 -34.58 9.06 10.74
N TYR B 272 -33.74 8.37 9.94
CA TYR B 272 -33.26 7.05 10.38
C TYR B 272 -32.29 7.13 11.56
N PHE B 273 -31.73 8.29 11.83
CA PHE B 273 -30.73 8.43 12.88
C PHE B 273 -31.14 9.43 13.95
N SER B 274 -32.40 9.87 13.95
CA SER B 274 -32.86 10.69 15.05
C SER B 274 -32.92 9.84 16.32
N ALA B 275 -32.91 10.52 17.46
CA ALA B 275 -32.91 9.83 18.74
C ALA B 275 -34.10 8.87 18.81
N PRO B 276 -33.95 7.71 19.46
CA PRO B 276 -32.79 7.26 20.23
C PRO B 276 -31.69 6.50 19.45
N ASN B 277 -31.50 6.77 18.15
CA ASN B 277 -30.62 5.94 17.34
C ASN B 277 -29.37 6.66 16.85
N SER B 278 -29.09 7.86 17.39
CA SER B 278 -28.08 8.75 16.79
C SER B 278 -26.68 8.17 16.80
N TYR B 279 -26.34 7.32 17.78
CA TYR B 279 -24.95 6.94 18.01
C TYR B 279 -24.74 5.43 17.85
N LEU B 280 -25.69 4.72 17.28
CA LEU B 280 -25.54 3.29 17.07
C LEU B 280 -24.31 3.00 16.22
N THR B 281 -23.64 1.89 16.52
CA THR B 281 -22.47 1.48 15.75
C THR B 281 -22.85 0.71 14.49
N GLY B 282 -24.10 0.28 14.36
CA GLY B 282 -24.46 -0.58 13.26
C GLY B 282 -24.27 -2.04 13.55
N CYS B 283 -23.84 -2.41 14.76
CA CYS B 283 -23.60 -3.80 15.14
C CYS B 283 -24.40 -4.22 16.38
N THR B 284 -25.34 -3.41 16.85
CA THR B 284 -26.05 -3.69 18.08
C THR B 284 -27.55 -3.87 17.79
N GLU B 285 -28.25 -4.47 18.75
CA GLU B 285 -29.69 -4.66 18.62
C GLU B 285 -30.39 -3.30 18.52
N GLU B 286 -31.50 -3.27 17.80
CA GLU B 286 -32.27 -2.04 17.68
C GLU B 286 -32.86 -1.65 19.05
N ILE B 287 -33.23 -0.36 19.16
CA ILE B 287 -33.85 0.17 20.37
C ILE B 287 -35.36 0.05 20.23
N GLU B 288 -36.01 -0.48 21.27
CA GLU B 288 -37.43 -0.79 21.22
C GLU B 288 -38.29 0.47 21.21
N ARG B 289 -39.42 0.39 20.49
CA ARG B 289 -40.40 1.46 20.37
C ARG B 289 -41.72 1.03 21.02
N LEU B 290 -42.61 2.01 21.20
CA LEU B 290 -43.96 1.88 21.82
C LEU B 290 -44.29 0.55 22.52
N1 H9D C . 23.66 2.01 10.89
N2 H9D C . 22.73 -0.12 10.58
C1 H9D C . 21.79 0.10 11.53
C2 H9D C . 21.76 1.32 12.21
C3 H9D C . 22.75 2.31 11.84
C4 H9D C . 20.13 0.03 12.98
C5 H9D C . 15.48 -9.04 16.38
C6 H9D C . 23.65 0.82 10.28
C7 H9D C . 16.55 -9.98 15.82
C8 H9D C . 17.80 -9.65 16.64
C9 H9D C . 17.49 -8.31 17.28
C10 H9D C . 18.11 -8.04 18.64
C11 H9D C . 17.53 -6.53 13.20
C12 H9D C . 13.68 -7.90 15.08
C13 H9D C . 15.19 -3.63 9.93
C14 H9D C . 14.63 -5.01 10.22
C15 H9D C . 17.32 -2.63 10.45
C16 H9D C . 15.37 -5.91 12.58
C17 H9D C . 14.85 -6.75 13.63
C18 H9D C . 15.73 -7.47 14.43
C19 H9D C . 19.17 -3.70 11.91
C20 H9D C . 19.63 -2.78 12.63
C21 H9D C . 18.78 -2.95 10.51
C22 H9D C . 20.48 -1.94 11.58
N3 H9D C . 22.83 3.65 12.48
N4 H9D C . 20.73 1.24 13.10
N5 H9D C . 20.78 -0.67 12.04
N6 H9D C . 16.69 -5.81 12.39
N7 H9D C . 17.08 -7.32 14.17
N8 H9D C . 13.58 -7.05 14.08
N9 H9D C . 16.68 -3.76 9.80
N10 H9D C . 14.42 -5.12 11.70
N11 H9D C . 15.00 -8.18 15.33
O1 H9D C . 16.13 -11.36 15.84
O2 H9D C . 17.98 -10.63 17.65
O3 H9D C . 16.06 -8.30 17.43
O4 H9D C . 17.24 -8.52 19.66
O5 H9D C . 20.23 -4.72 11.58
O6 H9D C . 20.66 -3.24 13.66
O7 H9D C . 19.51 -1.84 10.48
C ACT D . -1.57 10.11 5.94
O ACT D . -1.90 9.76 7.11
OXT ACT D . -0.61 10.85 5.60
CH3 ACT D . -2.47 9.61 4.75
MG MG E . -13.16 23.05 1.73
#